data_9LJX
#
_entry.id   9LJX
#
_cell.length_a   49.050
_cell.length_b   97.634
_cell.length_c   76.994
_cell.angle_alpha   90.00
_cell.angle_beta   106.98
_cell.angle_gamma   90.00
#
_symmetry.space_group_name_H-M   'P 1 21 1'
#
loop_
_entity.id
_entity.type
_entity.pdbx_description
1 polymer 'Aryl hydrocarbon receptor nuclear translocator'
2 polymer 'Endothelial PAS domain-containing protein 1'
3 non-polymer 4-fluoranyl-~{N}-(3-fluoranyl-2-pyrrolidin-1-yl-phenyl)-1,1-bis(oxidanylidene)-1,2-benzothiazol-3-amine
4 water water
#
loop_
_entity_poly.entity_id
_entity_poly.type
_entity_poly.pdbx_seq_one_letter_code
_entity_poly.pdbx_strand_id
1 'polypeptide(L)'
;MSSADKERLARENHSEIERRRRNKMTAYITELSDMVPTCSALARKPDKLTILRMAVSHMKSLRGTGNTSTDGSYKPSFLT
DQELKHLILEAADGFLFIVSCETGRVVYVSDSVTPVLNQPQSEWFGSTLYDQVHPDDVDKLREQLSTSENALTGRVLDLK
TGTVKKEGQQSSMRMCMGSRRSFICRMRCGTSSVDPVSMNRLSFLRNRCRNGLGSVKEGEPHFVVVHCTGYIKAWPPAGV
SLPDDDPEAGQGSKFCLVAIGRLQVTSSPNCTDMSNICQPTEFISRHNIEGIFTFVDHRCVATVGYQPQELLGKNIVEFC
HPEDQQLLRDSFQQVVKLKGQVLSVMFRFRSKTREWLWMRTSSFTFQNPYSDEIEYIICTNTNV
;
A
2 'polypeptide(L)'
;MADKEKKRSSSELRKEKSRDAARCRRSKETEVFYELAHELPLPHSVSSHLDKASIMRLAISFLRTHKLLSSVCSENESEA
EADQQMDNLYLKALEGFIAVVTQDGDMIFLSENISKFMGLTQVELTGHSIFDFTHPCDHEEIRENLTLKNGSGFGKKSKD
VSTERDFFMRMKCTVTNRGRTVNLKSATWKVLHCTGQVRVYNNCPPHSSLCGSKEPLLSCLIIMCEPIQHPSHMDIPLDS
KTFLSRHSMDMKFTYCDDRILELIGYHPEELLGRSAYEFYHALDSENMTKSHQNLCTKGQVVSGQYRMLAKHGGYVWLET
QGTVIYNPRNLQPQCIMCVNYVLSEIEKNDVVFSMDQTESLEHHHHHH
;
B
#
# COMPACT_ATOMS: atom_id res chain seq x y z
N ARG A 22 -38.63 0.59 -17.48
CA ARG A 22 -39.71 0.32 -16.54
C ARG A 22 -39.37 -0.88 -15.65
N ASN A 23 -38.68 -1.86 -16.22
CA ASN A 23 -38.30 -3.04 -15.45
C ASN A 23 -37.36 -2.67 -14.31
N LYS A 24 -36.46 -1.72 -14.56
CA LYS A 24 -35.49 -1.36 -13.52
C LYS A 24 -36.13 -0.53 -12.42
N MET A 25 -37.13 0.30 -12.75
CA MET A 25 -37.82 1.05 -11.70
C MET A 25 -38.70 0.13 -10.86
N THR A 26 -39.31 -0.87 -11.50
CA THR A 26 -40.06 -1.87 -10.74
C THR A 26 -39.14 -2.68 -9.83
N ALA A 27 -37.97 -3.06 -10.34
CA ALA A 27 -37.01 -3.80 -9.52
C ALA A 27 -36.51 -2.95 -8.37
N TYR A 28 -36.32 -1.64 -8.60
CA TYR A 28 -35.97 -0.74 -7.50
C TYR A 28 -37.07 -0.70 -6.45
N ILE A 29 -38.33 -0.70 -6.88
CA ILE A 29 -39.45 -0.60 -5.94
C ILE A 29 -39.50 -1.85 -5.06
N THR A 30 -39.36 -3.03 -5.66
CA THR A 30 -39.39 -4.27 -4.89
C THR A 30 -38.18 -4.39 -3.97
N GLU A 31 -37.02 -3.92 -4.41
CA GLU A 31 -35.84 -3.95 -3.55
C GLU A 31 -36.02 -3.03 -2.34
N LEU A 32 -36.56 -1.84 -2.56
CA LEU A 32 -36.84 -0.94 -1.43
C LEU A 32 -37.91 -1.53 -0.52
N SER A 33 -38.87 -2.27 -1.10
CA SER A 33 -39.86 -2.96 -0.29
C SER A 33 -39.21 -4.02 0.58
N ASP A 34 -38.19 -4.71 0.06
CA ASP A 34 -37.50 -5.72 0.86
C ASP A 34 -36.67 -5.08 1.96
N MET A 35 -36.07 -3.92 1.68
CA MET A 35 -35.18 -3.28 2.65
C MET A 35 -35.94 -2.71 3.84
N VAL A 36 -37.23 -2.45 3.72
CA VAL A 36 -38.03 -1.92 4.82
C VAL A 36 -38.69 -3.09 5.53
N PRO A 37 -38.50 -3.24 6.85
CA PRO A 37 -39.01 -4.43 7.54
C PRO A 37 -40.52 -4.42 7.70
N THR A 38 -40.98 -3.33 8.29
CA THR A 38 -42.40 -3.13 8.57
C THR A 38 -43.24 -3.08 7.30
N CYS A 39 -42.62 -2.83 6.15
CA CYS A 39 -43.28 -2.87 4.84
C CYS A 39 -43.30 -4.26 4.24
N SER A 40 -42.18 -4.98 4.33
CA SER A 40 -42.18 -6.37 3.89
C SER A 40 -43.19 -7.19 4.69
N ALA A 41 -43.46 -6.80 5.92
CA ALA A 41 -44.48 -7.44 6.73
C ALA A 41 -45.87 -7.05 6.25
N LYS A 45 -48.38 -5.71 -1.26
CA LYS A 45 -47.28 -4.77 -1.27
C LYS A 45 -47.80 -3.37 -1.49
N PRO A 46 -47.71 -2.55 -0.45
CA PRO A 46 -48.42 -1.26 -0.44
C PRO A 46 -47.97 -0.29 -1.51
N ASP A 47 -48.53 -0.45 -2.70
CA ASP A 47 -48.52 0.52 -3.81
C ASP A 47 -47.09 0.95 -4.11
N LYS A 48 -46.91 2.17 -4.58
CA LYS A 48 -45.57 2.73 -4.75
C LYS A 48 -45.49 4.09 -4.08
N LEU A 49 -46.47 4.94 -4.40
CA LEU A 49 -46.69 6.17 -3.64
C LEU A 49 -46.69 5.88 -2.16
N THR A 50 -47.35 4.79 -1.75
CA THR A 50 -47.28 4.36 -0.36
C THR A 50 -45.89 3.84 -0.01
N ILE A 51 -45.29 3.06 -0.92
CA ILE A 51 -43.99 2.45 -0.62
C ILE A 51 -42.95 3.51 -0.34
N LEU A 52 -42.99 4.62 -1.08
CA LEU A 52 -42.01 5.67 -0.87
C LEU A 52 -42.24 6.35 0.48
N ARG A 53 -43.51 6.50 0.89
CA ARG A 53 -43.79 7.13 2.17
C ARG A 53 -43.39 6.24 3.34
N MET A 54 -43.58 4.92 3.19
CA MET A 54 -43.07 4.00 4.20
C MET A 54 -41.55 4.07 4.29
N ALA A 55 -40.87 4.21 3.14
CA ALA A 55 -39.42 4.37 3.16
C ALA A 55 -39.02 5.68 3.83
N VAL A 56 -39.79 6.74 3.61
CA VAL A 56 -39.48 8.03 4.24
C VAL A 56 -39.65 7.93 5.75
N SER A 57 -40.68 7.21 6.20
CA SER A 57 -40.86 7.00 7.63
C SER A 57 -39.73 6.16 8.22
N HIS A 58 -39.27 5.15 7.47
CA HIS A 58 -38.14 4.35 7.94
C HIS A 58 -36.87 5.19 8.00
N MET A 59 -36.70 6.14 7.08
CA MET A 59 -35.55 7.05 7.14
C MET A 59 -35.65 7.99 8.33
N LYS A 60 -36.85 8.52 8.57
CA LYS A 60 -37.06 9.40 9.73
C LYS A 60 -36.82 8.66 11.04
N SER A 61 -37.13 7.36 11.09
CA SER A 61 -36.92 6.59 12.31
C SER A 61 -35.44 6.40 12.63
N LEU A 62 -34.56 6.58 11.65
CA LEU A 62 -33.13 6.41 11.86
C LEU A 62 -32.37 7.69 11.54
N THR A 80 -24.62 8.03 10.30
CA THR A 80 -24.16 8.83 11.43
C THR A 80 -22.71 9.25 11.24
N ASP A 81 -21.99 9.36 12.34
CA ASP A 81 -20.59 9.77 12.33
C ASP A 81 -19.64 8.66 12.75
N GLN A 82 -19.97 7.91 13.80
CA GLN A 82 -19.14 6.78 14.22
C GLN A 82 -19.13 5.67 13.17
N GLU A 83 -20.17 5.62 12.34
CA GLU A 83 -20.22 4.67 11.23
C GLU A 83 -19.06 4.86 10.26
N LEU A 84 -18.40 6.02 10.31
CA LEU A 84 -17.18 6.19 9.52
C LEU A 84 -15.97 5.63 10.25
N LYS A 85 -15.87 5.85 11.58
CA LYS A 85 -14.79 5.26 12.35
C LYS A 85 -14.79 3.75 12.23
N HIS A 86 -15.99 3.14 12.22
CA HIS A 86 -16.07 1.69 12.14
C HIS A 86 -15.61 1.19 10.77
N LEU A 87 -16.05 1.85 9.69
CA LEU A 87 -15.62 1.47 8.35
C LEU A 87 -14.11 1.65 8.17
N ILE A 88 -13.55 2.70 8.77
CA ILE A 88 -12.12 2.96 8.63
C ILE A 88 -11.30 1.92 9.37
N LEU A 89 -11.70 1.61 10.61
CA LEU A 89 -11.02 0.53 11.34
C LEU A 89 -11.21 -0.81 10.64
N GLU A 90 -12.34 -1.02 9.99
CA GLU A 90 -12.59 -2.27 9.29
C GLU A 90 -11.71 -2.40 8.05
N ALA A 91 -11.50 -1.29 7.33
CA ALA A 91 -10.77 -1.33 6.07
C ALA A 91 -9.26 -1.30 6.27
N ALA A 92 -8.76 -0.35 7.07
CA ALA A 92 -7.33 -0.10 7.15
C ALA A 92 -6.73 -0.34 8.53
N ASP A 93 -7.53 -0.76 9.51
CA ASP A 93 -7.05 -0.93 10.88
C ASP A 93 -6.41 0.35 11.39
N GLY A 94 -7.13 1.46 11.18
CA GLY A 94 -6.63 2.76 11.57
C GLY A 94 -7.38 3.39 12.72
N PHE A 95 -6.74 4.34 13.40
CA PHE A 95 -7.34 5.06 14.50
C PHE A 95 -7.05 6.54 14.36
N LEU A 96 -8.00 7.36 14.81
CA LEU A 96 -7.89 8.81 14.77
C LEU A 96 -7.25 9.34 16.04
N PHE A 97 -6.46 10.40 15.91
CA PHE A 97 -5.84 11.05 17.04
C PHE A 97 -5.55 12.51 16.71
N ILE A 98 -5.80 13.38 17.68
CA ILE A 98 -5.48 14.80 17.61
C ILE A 98 -4.38 15.08 18.61
N VAL A 99 -3.22 15.51 18.12
CA VAL A 99 -2.10 15.88 18.95
C VAL A 99 -1.88 17.39 18.84
N SER A 100 -1.05 17.93 19.73
CA SER A 100 -0.71 19.34 19.72
C SER A 100 0.59 19.56 18.94
N CYS A 101 0.60 20.56 18.07
CA CYS A 101 1.79 20.86 17.28
C CYS A 101 2.89 21.54 18.09
N GLU A 102 2.59 21.97 19.30
CA GLU A 102 3.57 22.64 20.11
C GLU A 102 4.39 21.72 20.96
N THR A 103 3.73 20.98 21.82
CA THR A 103 4.41 20.07 22.72
C THR A 103 4.31 18.61 22.30
N GLY A 104 3.46 18.28 21.34
CA GLY A 104 3.24 16.90 20.96
C GLY A 104 2.24 16.17 21.81
N ARG A 105 1.76 16.77 22.90
CA ARG A 105 0.77 16.10 23.74
C ARG A 105 -0.51 15.86 22.97
N VAL A 106 -0.99 14.61 23.02
CA VAL A 106 -2.21 14.24 22.32
C VAL A 106 -3.41 14.81 23.07
N VAL A 107 -4.21 15.61 22.35
CA VAL A 107 -5.43 16.15 22.94
C VAL A 107 -6.59 15.17 22.83
N TYR A 108 -6.54 14.21 21.91
CA TYR A 108 -7.59 13.21 21.81
C TYR A 108 -7.06 11.95 21.16
N VAL A 109 -7.42 10.80 21.73
CA VAL A 109 -7.14 9.51 21.13
C VAL A 109 -8.42 8.68 21.18
N SER A 110 -8.78 8.08 20.06
CA SER A 110 -10.00 7.29 20.00
C SER A 110 -9.74 5.87 20.51
N ASP A 111 -10.83 5.21 20.90
CA ASP A 111 -10.73 3.84 21.41
C ASP A 111 -10.15 2.87 20.39
N SER A 112 -10.23 3.20 19.10
CA SER A 112 -9.67 2.35 18.06
C SER A 112 -8.17 2.15 18.22
N VAL A 113 -7.51 2.90 19.09
CA VAL A 113 -6.10 2.69 19.36
C VAL A 113 -5.85 1.36 20.06
N THR A 114 -6.89 0.77 20.67
CA THR A 114 -6.70 -0.48 21.39
C THR A 114 -6.67 -1.69 20.45
N PRO A 115 -7.63 -1.86 19.54
CA PRO A 115 -7.53 -2.98 18.59
C PRO A 115 -6.37 -2.86 17.64
N VAL A 116 -5.81 -1.66 17.45
CA VAL A 116 -4.70 -1.46 16.53
C VAL A 116 -3.36 -1.64 17.23
N LEU A 117 -3.17 -0.97 18.36
CA LEU A 117 -1.87 -0.94 19.03
C LEU A 117 -1.85 -1.71 20.34
N ASN A 118 -2.96 -2.36 20.73
CA ASN A 118 -3.04 -3.11 21.98
C ASN A 118 -2.63 -2.25 23.17
N GLN A 119 -3.03 -0.99 23.14
CA GLN A 119 -2.73 -0.05 24.20
C GLN A 119 -4.00 0.70 24.60
N PRO A 120 -4.26 0.87 25.89
CA PRO A 120 -5.47 1.56 26.32
C PRO A 120 -5.36 3.06 26.12
N GLN A 121 -6.52 3.72 26.07
CA GLN A 121 -6.55 5.16 25.96
C GLN A 121 -5.90 5.84 27.16
N SER A 122 -5.82 5.14 28.30
CA SER A 122 -5.16 5.71 29.48
C SER A 122 -3.69 5.96 29.23
N GLU A 123 -3.03 5.11 28.42
CA GLU A 123 -1.62 5.34 28.12
C GLU A 123 -1.46 6.53 27.18
N TRP A 124 -2.19 6.53 26.05
CA TRP A 124 -2.05 7.61 25.09
C TRP A 124 -2.46 8.94 25.69
N PHE A 125 -3.67 9.03 26.23
CA PHE A 125 -4.12 10.26 26.89
C PHE A 125 -3.19 10.63 28.02
N GLY A 126 -2.91 11.92 28.14
CA GLY A 126 -1.96 12.40 29.13
C GLY A 126 -0.51 12.30 28.74
N SER A 127 -0.22 11.90 27.50
CA SER A 127 1.16 11.77 27.05
C SER A 127 1.38 12.54 25.76
N THR A 128 2.55 12.38 25.15
CA THR A 128 2.86 13.01 23.87
C THR A 128 3.16 11.92 22.84
N LEU A 129 3.06 12.31 21.57
CA LEU A 129 3.29 11.35 20.49
C LEU A 129 4.73 10.87 20.46
N TYR A 130 5.67 11.68 20.96
CA TYR A 130 7.06 11.27 21.02
C TYR A 130 7.25 10.07 21.93
N ASP A 131 6.47 9.97 23.01
CA ASP A 131 6.58 8.86 23.94
C ASP A 131 6.06 7.56 23.37
N GLN A 132 5.15 7.62 22.39
CA GLN A 132 4.55 6.44 21.79
C GLN A 132 5.23 6.04 20.49
N VAL A 133 6.39 6.62 20.18
CA VAL A 133 7.03 6.47 18.89
C VAL A 133 8.46 6.00 19.09
N HIS A 134 8.95 5.20 18.15
CA HIS A 134 10.33 4.72 18.18
C HIS A 134 11.29 5.89 18.36
N PRO A 135 12.33 5.75 19.19
CA PRO A 135 13.20 6.91 19.48
C PRO A 135 13.92 7.46 18.26
N ASP A 136 14.05 6.69 17.19
CA ASP A 136 14.73 7.16 15.99
C ASP A 136 13.79 7.88 15.01
N ASP A 137 12.57 8.21 15.42
CA ASP A 137 11.65 8.93 14.57
C ASP A 137 11.30 10.32 15.07
N VAL A 138 11.69 10.68 16.31
CA VAL A 138 11.30 11.97 16.88
C VAL A 138 11.70 13.11 15.95
N ASP A 139 12.92 13.07 15.41
CA ASP A 139 13.35 14.06 14.43
C ASP A 139 12.32 14.20 13.32
N LYS A 140 12.01 13.07 12.65
CA LYS A 140 10.96 13.07 11.65
C LYS A 140 9.68 13.68 12.19
N LEU A 141 9.28 13.25 13.39
CA LEU A 141 8.06 13.78 14.00
C LEU A 141 8.17 15.29 14.18
N ARG A 142 9.34 15.76 14.63
CA ARG A 142 9.55 17.21 14.76
C ARG A 142 9.35 17.93 13.45
N GLU A 143 9.73 17.30 12.33
CA GLU A 143 9.53 17.93 11.04
C GLU A 143 8.06 17.93 10.65
N GLN A 144 7.30 16.93 11.11
CA GLN A 144 5.89 16.85 10.74
C GLN A 144 5.03 17.72 11.67
N LEU A 145 5.38 17.79 12.94
CA LEU A 145 4.64 18.61 13.90
C LEU A 145 5.07 20.07 13.89
N SER A 146 5.89 20.48 12.93
CA SER A 146 6.34 21.87 12.83
C SER A 146 5.36 22.66 11.98
N THR A 147 4.94 23.82 12.49
CA THR A 147 4.03 24.72 11.78
C THR A 147 4.71 26.04 11.45
N SER A 148 6.03 26.02 11.21
CA SER A 148 6.74 27.25 10.86
C SER A 148 6.45 27.66 9.42
N GLU A 149 6.27 26.70 8.52
CA GLU A 149 5.96 26.98 7.13
C GLU A 149 4.74 26.23 6.60
N ASN A 150 4.38 25.08 7.18
CA ASN A 150 3.22 24.33 6.73
C ASN A 150 2.32 23.97 7.91
N MET A 177 -3.25 27.20 9.67
CA MET A 177 -2.63 26.84 8.41
C MET A 177 -3.55 25.92 7.59
N GLY A 178 -3.96 24.82 8.20
CA GLY A 178 -4.80 23.87 7.50
C GLY A 178 -4.09 23.00 6.50
N SER A 179 -2.76 22.92 6.56
CA SER A 179 -2.01 22.08 5.65
C SER A 179 -2.21 20.61 5.99
N ARG A 180 -1.83 19.75 5.06
CA ARG A 180 -1.94 18.31 5.23
C ARG A 180 -0.58 17.71 5.55
N ARG A 181 -0.62 16.47 6.06
CA ARG A 181 0.58 15.75 6.49
C ARG A 181 0.41 14.28 6.14
N SER A 182 1.50 13.66 5.69
CA SER A 182 1.50 12.23 5.39
C SER A 182 2.89 11.70 5.67
N PHE A 183 2.99 10.72 6.57
CA PHE A 183 4.30 10.21 6.96
C PHE A 183 4.14 8.83 7.60
N ILE A 184 5.23 8.07 7.56
CA ILE A 184 5.29 6.75 8.17
C ILE A 184 6.12 6.84 9.44
N CYS A 185 5.69 6.12 10.49
CA CYS A 185 6.47 6.11 11.72
C CYS A 185 6.21 4.83 12.49
N ARG A 186 7.15 4.50 13.37
CA ARG A 186 7.07 3.30 14.20
C ARG A 186 6.45 3.66 15.55
N MET A 187 5.29 3.11 15.84
CA MET A 187 4.61 3.34 17.10
C MET A 187 4.71 2.12 18.00
N ARG A 188 4.90 2.34 19.29
CA ARG A 188 5.03 1.25 20.24
C ARG A 188 3.66 0.65 20.54
N CYS A 189 3.59 -0.68 20.58
CA CYS A 189 2.35 -1.39 20.78
C CYS A 189 2.53 -2.43 21.87
N GLY A 190 1.39 -2.92 22.39
CA GLY A 190 1.40 -3.92 23.43
C GLY A 190 1.00 -3.40 24.79
N PRO A 221 10.05 -4.16 24.27
CA PRO A 221 9.50 -3.08 23.44
C PRO A 221 9.22 -3.54 22.01
N HIS A 222 7.96 -3.42 21.59
CA HIS A 222 7.54 -3.85 20.26
C HIS A 222 6.99 -2.64 19.51
N PHE A 223 7.44 -2.46 18.27
CA PHE A 223 7.02 -1.34 17.43
C PHE A 223 6.36 -1.86 16.16
N VAL A 224 5.40 -1.10 15.66
CA VAL A 224 4.69 -1.42 14.43
C VAL A 224 4.73 -0.21 13.52
N VAL A 225 4.86 -0.46 12.21
CA VAL A 225 4.86 0.60 11.22
C VAL A 225 3.45 1.12 11.03
N VAL A 226 3.28 2.44 11.09
CA VAL A 226 1.98 3.07 10.98
C VAL A 226 2.08 4.18 9.94
N HIS A 227 1.13 4.18 9.00
CA HIS A 227 1.00 5.26 8.03
C HIS A 227 0.02 6.28 8.58
N CYS A 228 0.48 7.52 8.75
CA CYS A 228 -0.32 8.59 9.32
C CYS A 228 -0.63 9.63 8.25
N THR A 229 -1.91 9.92 8.09
CA THR A 229 -2.37 10.98 7.19
C THR A 229 -3.30 11.90 7.96
N GLY A 230 -3.01 13.20 7.92
CA GLY A 230 -3.79 14.14 8.69
C GLY A 230 -3.67 15.56 8.16
N TYR A 231 -4.08 16.51 9.01
CA TYR A 231 -4.11 17.91 8.63
C TYR A 231 -4.03 18.78 9.87
N ILE A 232 -3.65 20.04 9.66
CA ILE A 232 -3.47 21.01 10.74
C ILE A 232 -4.80 21.69 11.02
N LYS A 233 -5.00 22.03 12.30
CA LYS A 233 -6.24 22.62 12.77
C LYS A 233 -5.90 23.57 13.92
N ALA A 234 -6.93 24.08 14.59
CA ALA A 234 -6.73 24.97 15.73
C ALA A 234 -6.90 24.22 17.05
N LYS A 254 -1.54 26.48 19.86
CA LYS A 254 -2.55 27.04 18.98
C LYS A 254 -3.03 26.00 17.97
N PHE A 255 -2.08 25.43 17.25
CA PHE A 255 -2.37 24.52 16.16
C PHE A 255 -2.31 23.07 16.63
N CYS A 256 -3.18 22.24 16.05
CA CYS A 256 -3.24 20.82 16.34
C CYS A 256 -3.07 20.02 15.05
N LEU A 257 -2.77 18.73 15.21
CA LEU A 257 -2.70 17.80 14.10
C LEU A 257 -3.78 16.75 14.30
N VAL A 258 -4.76 16.72 13.38
CA VAL A 258 -5.80 15.71 13.37
C VAL A 258 -5.37 14.68 12.33
N ALA A 259 -5.07 13.46 12.76
CA ALA A 259 -4.54 12.47 11.83
C ALA A 259 -5.19 11.12 12.08
N ILE A 260 -5.04 10.26 11.08
CA ILE A 260 -5.43 8.86 11.16
C ILE A 260 -4.19 8.02 10.92
N GLY A 261 -3.90 7.11 11.85
CA GLY A 261 -2.79 6.19 11.70
C GLY A 261 -3.30 4.79 11.45
N ARG A 262 -2.85 4.19 10.34
CA ARG A 262 -3.31 2.88 9.92
C ARG A 262 -2.15 1.89 9.87
N LEU A 263 -2.47 0.61 10.09
CA LEU A 263 -1.53 -0.48 9.94
C LEU A 263 -1.51 -0.93 8.48
N GLN A 264 -0.87 -2.07 8.22
CA GLN A 264 -0.71 -2.58 6.86
C GLN A 264 -0.52 -4.09 6.93
N VAL A 265 -0.22 -4.69 5.78
CA VAL A 265 -0.05 -6.14 5.71
C VAL A 265 1.26 -6.56 6.35
N PRO A 280 19.75 -22.41 11.88
CA PRO A 280 19.93 -22.05 10.47
C PRO A 280 20.33 -23.25 9.62
N THR A 281 19.50 -23.59 8.64
CA THR A 281 19.77 -24.72 7.76
C THR A 281 20.26 -24.31 6.38
N GLU A 282 20.12 -23.04 6.01
CA GLU A 282 20.45 -22.60 4.65
C GLU A 282 20.75 -21.11 4.67
N PHE A 283 21.27 -20.63 3.55
CA PHE A 283 21.46 -19.19 3.36
C PHE A 283 21.31 -18.85 1.89
N ILE A 284 20.74 -17.67 1.64
CA ILE A 284 20.49 -17.17 0.29
C ILE A 284 21.73 -16.42 -0.20
N SER A 285 21.99 -16.53 -1.50
CA SER A 285 23.12 -15.84 -2.09
C SER A 285 22.78 -15.44 -3.52
N ARG A 286 23.45 -14.40 -4.00
CA ARG A 286 23.32 -13.94 -5.37
C ARG A 286 24.69 -13.99 -6.05
N HIS A 287 24.68 -14.30 -7.34
CA HIS A 287 25.92 -14.45 -8.10
C HIS A 287 25.76 -13.80 -9.46
N ASN A 288 26.89 -13.54 -10.09
CA ASN A 288 26.92 -13.05 -11.43
C ASN A 288 26.88 -14.26 -12.38
N ILE A 289 26.91 -14.04 -13.67
CA ILE A 289 26.87 -15.19 -14.59
C ILE A 289 28.01 -16.22 -14.42
N GLU A 290 29.19 -15.70 -14.08
CA GLU A 290 30.40 -16.43 -13.76
C GLU A 290 30.23 -17.31 -12.54
N GLY A 291 29.64 -16.79 -11.49
CA GLY A 291 29.44 -17.55 -10.28
C GLY A 291 30.10 -16.91 -9.09
N ILE A 292 30.37 -15.63 -9.21
CA ILE A 292 31.02 -14.86 -8.16
C ILE A 292 29.97 -14.38 -7.18
N PHE A 293 30.23 -14.58 -5.88
CA PHE A 293 29.34 -14.06 -4.84
C PHE A 293 29.24 -12.54 -4.94
N THR A 294 28.04 -12.04 -5.25
CA THR A 294 27.76 -10.62 -5.24
C THR A 294 26.79 -10.22 -4.13
N PHE A 295 26.13 -11.19 -3.49
CA PHE A 295 25.32 -10.94 -2.31
C PHE A 295 25.32 -12.20 -1.46
N VAL A 296 25.55 -12.05 -0.16
CA VAL A 296 25.52 -13.17 0.79
C VAL A 296 24.70 -12.75 1.99
N ASP A 297 23.72 -13.57 2.36
CA ASP A 297 22.95 -13.31 3.56
C ASP A 297 23.69 -13.86 4.79
N HIS A 298 23.42 -13.25 5.94
CA HIS A 298 24.25 -13.46 7.12
C HIS A 298 24.25 -14.91 7.61
N ARG A 299 23.20 -15.67 7.32
CA ARG A 299 23.10 -17.04 7.83
C ARG A 299 24.29 -17.90 7.42
N CYS A 300 25.04 -17.50 6.39
CA CYS A 300 26.23 -18.24 6.01
C CYS A 300 27.18 -18.41 7.18
N VAL A 301 27.30 -17.38 8.03
CA VAL A 301 28.18 -17.45 9.19
C VAL A 301 27.88 -18.68 10.03
N ALA A 302 26.62 -19.07 10.10
CA ALA A 302 26.24 -20.27 10.85
C ALA A 302 26.35 -21.54 10.02
N THR A 303 26.10 -21.45 8.71
CA THR A 303 26.03 -22.66 7.90
C THR A 303 27.40 -23.12 7.42
N VAL A 304 28.26 -22.19 6.99
CA VAL A 304 29.58 -22.53 6.49
C VAL A 304 30.69 -21.94 7.33
N GLY A 305 30.41 -21.04 8.25
CA GLY A 305 31.40 -20.50 9.15
C GLY A 305 32.11 -19.24 8.66
N TYR A 306 31.99 -18.90 7.38
CA TYR A 306 32.66 -17.73 6.86
C TYR A 306 31.88 -16.46 7.16
N GLN A 307 32.62 -15.38 7.38
CA GLN A 307 32.02 -14.06 7.38
C GLN A 307 31.58 -13.70 5.96
N PRO A 308 30.54 -12.88 5.80
CA PRO A 308 30.08 -12.53 4.45
C PRO A 308 31.15 -11.92 3.58
N GLN A 309 32.06 -11.14 4.16
CA GLN A 309 33.17 -10.58 3.39
C GLN A 309 34.13 -11.64 2.90
N GLU A 310 34.13 -12.83 3.51
CA GLU A 310 35.03 -13.89 3.06
C GLU A 310 34.49 -14.64 1.85
N LEU A 311 33.17 -14.63 1.66
CA LEU A 311 32.57 -15.25 0.47
C LEU A 311 32.42 -14.25 -0.67
N LEU A 312 32.08 -12.99 -0.35
CA LEU A 312 31.94 -11.96 -1.38
C LEU A 312 33.27 -11.76 -2.12
N GLY A 313 33.16 -11.60 -3.44
CA GLY A 313 34.31 -11.36 -4.28
C GLY A 313 34.91 -12.62 -4.89
N LYS A 314 34.66 -13.79 -4.31
CA LYS A 314 35.22 -15.04 -4.80
C LYS A 314 34.14 -15.90 -5.44
N ASN A 315 34.57 -16.76 -6.35
CA ASN A 315 33.63 -17.63 -7.06
C ASN A 315 33.22 -18.80 -6.18
N ILE A 316 32.00 -19.28 -6.39
CA ILE A 316 31.50 -20.40 -5.60
C ILE A 316 32.26 -21.69 -5.92
N VAL A 317 32.82 -21.79 -7.12
CA VAL A 317 33.63 -22.95 -7.48
C VAL A 317 34.90 -23.04 -6.63
N GLU A 318 35.39 -21.91 -6.11
CA GLU A 318 36.60 -21.93 -5.29
C GLU A 318 36.39 -22.71 -4.01
N PHE A 319 35.19 -22.64 -3.44
CA PHE A 319 34.86 -23.34 -2.21
C PHE A 319 34.37 -24.76 -2.46
N CYS A 320 34.38 -25.21 -3.71
CA CYS A 320 33.89 -26.54 -4.05
C CYS A 320 35.03 -27.54 -4.07
N HIS A 321 34.75 -28.75 -3.62
CA HIS A 321 35.71 -29.85 -3.75
C HIS A 321 36.06 -30.01 -5.22
N PRO A 322 37.34 -30.13 -5.58
CA PRO A 322 37.69 -30.25 -7.01
C PRO A 322 36.92 -31.34 -7.72
N GLU A 323 36.79 -32.52 -7.08
CA GLU A 323 36.06 -33.63 -7.67
C GLU A 323 34.66 -33.22 -8.13
N ASP A 324 34.03 -32.29 -7.42
CA ASP A 324 32.67 -31.86 -7.73
C ASP A 324 32.62 -30.60 -8.59
N GLN A 325 33.74 -29.88 -8.74
CA GLN A 325 33.71 -28.55 -9.33
C GLN A 325 33.00 -28.54 -10.68
N GLN A 326 33.42 -29.43 -11.60
CA GLN A 326 32.80 -29.51 -12.91
C GLN A 326 31.28 -29.60 -12.79
N LEU A 327 30.79 -30.51 -11.94
CA LEU A 327 29.36 -30.62 -11.69
C LEU A 327 28.75 -29.26 -11.41
N LEU A 328 29.27 -28.58 -10.38
CA LEU A 328 28.76 -27.24 -10.04
C LEU A 328 28.78 -26.34 -11.26
N ARG A 329 29.90 -26.32 -11.99
CA ARG A 329 29.99 -25.50 -13.19
C ARG A 329 28.86 -25.82 -14.16
N ASP A 330 28.65 -27.12 -14.44
CA ASP A 330 27.56 -27.50 -15.33
C ASP A 330 26.24 -26.95 -14.84
N SER A 331 26.00 -27.01 -13.52
CA SER A 331 24.78 -26.43 -12.97
C SER A 331 24.70 -24.96 -13.31
N PHE A 332 25.78 -24.21 -13.03
CA PHE A 332 25.80 -22.80 -13.37
C PHE A 332 25.78 -22.56 -14.88
N GLN A 333 26.12 -23.58 -15.67
CA GLN A 333 25.98 -23.43 -17.11
C GLN A 333 24.55 -23.70 -17.56
N GLN A 334 23.79 -24.48 -16.79
CA GLN A 334 22.42 -24.78 -17.18
C GLN A 334 21.42 -23.77 -16.65
N VAL A 335 21.61 -23.29 -15.41
CA VAL A 335 20.71 -22.31 -14.81
C VAL A 335 20.54 -21.10 -15.72
N VAL A 336 21.61 -20.69 -16.41
CA VAL A 336 21.50 -19.56 -17.33
C VAL A 336 20.82 -19.98 -18.62
N LYS A 337 21.14 -21.18 -19.13
CA LYS A 337 20.50 -21.65 -20.35
C LYS A 337 19.08 -22.12 -20.11
N LEU A 338 18.71 -22.44 -18.87
CA LEU A 338 17.32 -22.70 -18.49
C LEU A 338 16.84 -21.47 -17.73
N LYS A 339 16.52 -20.42 -18.49
CA LYS A 339 16.16 -19.13 -17.91
C LYS A 339 14.91 -19.26 -17.05
N GLY A 340 15.02 -18.78 -15.81
CA GLY A 340 13.92 -18.80 -14.87
C GLY A 340 13.68 -20.11 -14.15
N GLN A 341 14.12 -21.23 -14.72
CA GLN A 341 13.85 -22.52 -14.12
C GLN A 341 14.84 -22.81 -12.99
N VAL A 342 14.41 -23.64 -12.04
CA VAL A 342 15.17 -23.96 -10.84
C VAL A 342 15.87 -25.29 -11.03
N LEU A 343 17.17 -25.32 -10.76
CA LEU A 343 17.97 -26.54 -10.82
C LEU A 343 18.70 -26.73 -9.50
N SER A 344 18.81 -27.97 -9.05
CA SER A 344 19.44 -28.29 -7.78
C SER A 344 20.71 -29.11 -8.02
N VAL A 345 21.84 -28.59 -7.56
CA VAL A 345 23.10 -29.32 -7.60
C VAL A 345 23.47 -29.69 -6.17
N MET A 346 24.33 -30.70 -6.03
CA MET A 346 24.83 -31.06 -4.71
C MET A 346 26.33 -31.32 -4.77
N PHE A 347 27.06 -30.71 -3.86
CA PHE A 347 28.52 -30.73 -3.91
C PHE A 347 29.07 -30.53 -2.51
N ARG A 348 30.38 -30.70 -2.38
CA ARG A 348 31.06 -30.50 -1.11
C ARG A 348 31.59 -29.07 -1.03
N PHE A 349 31.23 -28.39 0.05
CA PHE A 349 31.61 -27.00 0.29
C PHE A 349 32.72 -26.98 1.34
N ARG A 350 33.75 -26.19 1.09
CA ARG A 350 34.83 -26.01 2.06
C ARG A 350 34.40 -24.99 3.10
N SER A 351 34.32 -25.43 4.35
CA SER A 351 33.97 -24.53 5.44
C SER A 351 35.21 -23.78 5.93
N LYS A 352 35.00 -22.83 6.83
CA LYS A 352 36.11 -22.08 7.40
C LYS A 352 37.00 -22.98 8.24
N THR A 353 36.42 -23.96 8.92
CA THR A 353 37.17 -25.00 9.61
C THR A 353 37.76 -26.04 8.67
N ARG A 354 37.71 -25.80 7.35
CA ARG A 354 38.30 -26.67 6.34
C ARG A 354 37.59 -28.02 6.27
N GLU A 355 36.28 -28.02 6.45
CA GLU A 355 35.49 -29.25 6.40
C GLU A 355 34.70 -29.31 5.10
N TRP A 356 34.59 -30.53 4.55
CA TRP A 356 33.82 -30.77 3.34
C TRP A 356 32.38 -31.05 3.75
N LEU A 357 31.57 -30.00 3.80
CA LEU A 357 30.17 -30.11 4.15
C LEU A 357 29.36 -30.35 2.89
N TRP A 358 28.57 -31.42 2.86
CA TRP A 358 27.71 -31.66 1.71
C TRP A 358 26.59 -30.63 1.68
N MET A 359 26.36 -30.07 0.50
CA MET A 359 25.51 -28.89 0.34
C MET A 359 24.67 -29.06 -0.91
N ARG A 360 23.37 -28.80 -0.77
CA ARG A 360 22.42 -28.85 -1.88
C ARG A 360 22.03 -27.41 -2.21
N THR A 361 22.43 -26.94 -3.39
CA THR A 361 22.17 -25.58 -3.85
C THR A 361 21.08 -25.63 -4.91
N SER A 362 19.92 -25.06 -4.60
CA SER A 362 18.88 -24.82 -5.58
C SER A 362 19.04 -23.41 -6.13
N SER A 363 19.08 -23.28 -7.45
CA SER A 363 19.47 -22.04 -8.08
C SER A 363 18.55 -21.75 -9.27
N PHE A 364 18.31 -20.47 -9.51
CA PHE A 364 17.55 -20.01 -10.66
C PHE A 364 17.99 -18.61 -11.01
N THR A 365 17.74 -18.21 -12.26
CA THR A 365 18.10 -16.89 -12.74
C THR A 365 16.95 -15.92 -12.53
N PHE A 366 17.27 -14.75 -11.99
CA PHE A 366 16.29 -13.68 -11.81
C PHE A 366 16.29 -12.79 -13.04
N GLN A 367 15.10 -12.50 -13.56
CA GLN A 367 14.95 -11.72 -14.78
C GLN A 367 14.31 -10.37 -14.46
N ASN A 368 14.79 -9.33 -15.13
CA ASN A 368 14.20 -8.00 -14.98
C ASN A 368 12.77 -8.02 -15.54
N PRO A 369 11.77 -7.64 -14.74
CA PRO A 369 10.38 -7.73 -15.22
C PRO A 369 10.10 -6.91 -16.47
N TYR A 370 10.89 -5.87 -16.76
CA TYR A 370 10.65 -5.04 -17.93
C TYR A 370 11.49 -5.44 -19.14
N SER A 371 12.71 -5.92 -18.93
CA SER A 371 13.61 -6.24 -20.03
C SER A 371 13.91 -7.72 -20.17
N ASP A 372 13.56 -8.54 -19.18
CA ASP A 372 13.83 -9.97 -19.13
C ASP A 372 15.32 -10.28 -19.11
N GLU A 373 16.18 -9.27 -18.90
CA GLU A 373 17.61 -9.52 -18.78
C GLU A 373 17.92 -10.14 -17.42
N ILE A 374 18.89 -11.03 -17.41
CA ILE A 374 19.25 -11.76 -16.19
C ILE A 374 20.01 -10.81 -15.27
N GLU A 375 19.35 -10.40 -14.18
CA GLU A 375 20.01 -9.55 -13.19
C GLU A 375 21.12 -10.30 -12.48
N TYR A 376 20.81 -11.50 -11.97
CA TYR A 376 21.77 -12.33 -11.28
C TYR A 376 21.18 -13.73 -11.13
N ILE A 377 22.00 -14.64 -10.60
CA ILE A 377 21.59 -16.00 -10.29
C ILE A 377 21.38 -16.09 -8.78
N ILE A 378 20.20 -16.54 -8.37
CA ILE A 378 19.85 -16.63 -6.96
C ILE A 378 19.95 -18.09 -6.53
N CYS A 379 20.76 -18.34 -5.50
CA CYS A 379 20.99 -19.67 -4.97
C CYS A 379 20.54 -19.72 -3.52
N THR A 380 20.06 -20.90 -3.11
CA THR A 380 19.69 -21.17 -1.72
C THR A 380 20.56 -22.34 -1.27
N ASN A 381 21.70 -22.02 -0.66
CA ASN A 381 22.68 -23.03 -0.28
C ASN A 381 22.26 -23.65 1.05
N THR A 382 22.00 -24.96 1.03
CA THR A 382 21.45 -25.67 2.17
C THR A 382 22.37 -26.83 2.54
N ASN A 383 22.70 -26.93 3.82
CA ASN A 383 23.55 -28.00 4.31
C ASN A 383 22.84 -29.35 4.17
N VAL A 384 23.64 -30.42 4.24
CA VAL A 384 23.14 -31.79 4.17
C VAL A 384 22.34 -32.03 2.90
N LYS B 28 -52.27 16.15 -10.85
CA LYS B 28 -51.53 15.99 -9.60
C LYS B 28 -50.38 15.00 -9.78
N GLU B 29 -49.28 15.25 -9.06
CA GLU B 29 -48.07 14.45 -9.19
C GLU B 29 -47.55 14.10 -7.79
N THR B 30 -46.40 13.43 -7.76
CA THR B 30 -45.82 12.93 -6.52
C THR B 30 -44.66 13.82 -6.10
N GLU B 31 -44.76 14.39 -4.90
CA GLU B 31 -43.66 15.12 -4.29
C GLU B 31 -43.00 14.34 -3.17
N VAL B 32 -43.46 13.12 -2.89
CA VAL B 32 -42.81 12.28 -1.88
C VAL B 32 -41.42 11.89 -2.33
N PHE B 33 -41.18 11.83 -3.65
CA PHE B 33 -39.83 11.59 -4.15
C PHE B 33 -38.84 12.61 -3.61
N TYR B 34 -39.28 13.86 -3.47
CA TYR B 34 -38.43 14.88 -2.86
C TYR B 34 -38.24 14.63 -1.36
N GLU B 35 -39.25 14.05 -0.70
CA GLU B 35 -39.12 13.78 0.73
C GLU B 35 -38.18 12.61 1.00
N LEU B 36 -38.03 11.70 0.04
CA LEU B 36 -37.04 10.63 0.22
C LEU B 36 -35.62 11.18 0.12
N ALA B 37 -35.40 12.11 -0.81
CA ALA B 37 -34.07 12.69 -0.98
C ALA B 37 -33.70 13.62 0.18
N HIS B 38 -34.69 14.17 0.89
CA HIS B 38 -34.39 15.02 2.03
C HIS B 38 -33.92 14.21 3.23
N GLU B 39 -34.65 13.15 3.55
CA GLU B 39 -34.26 12.24 4.63
C GLU B 39 -33.12 11.31 4.23
N LEU B 40 -32.63 11.43 3.00
CA LEU B 40 -31.47 10.66 2.54
C LEU B 40 -30.21 11.39 2.96
N PRO B 41 -29.43 10.86 3.90
CA PRO B 41 -28.25 11.54 4.45
C PRO B 41 -27.15 11.77 3.42
N SER B 47 -29.55 16.81 -2.17
CA SER B 47 -30.46 15.76 -2.53
C SER B 47 -31.38 16.13 -3.69
N SER B 48 -31.80 17.40 -3.72
CA SER B 48 -32.73 17.92 -4.71
C SER B 48 -32.60 17.45 -6.14
N HIS B 49 -31.58 17.91 -6.87
CA HIS B 49 -31.43 17.57 -8.29
C HIS B 49 -31.16 16.10 -8.71
N LEU B 50 -32.01 15.15 -8.33
CA LEU B 50 -31.79 13.78 -8.73
C LEU B 50 -33.01 13.16 -9.37
N ASP B 51 -32.82 12.33 -10.37
CA ASP B 51 -33.95 11.67 -10.98
C ASP B 51 -34.42 10.51 -10.10
N LYS B 52 -35.68 10.15 -10.23
CA LYS B 52 -36.31 9.10 -9.42
C LYS B 52 -35.49 7.82 -9.28
N ALA B 53 -34.90 7.36 -10.40
CA ALA B 53 -34.03 6.18 -10.35
C ALA B 53 -32.84 6.41 -9.43
N SER B 54 -32.29 7.63 -9.42
CA SER B 54 -31.14 7.92 -8.57
C SER B 54 -31.52 7.90 -7.09
N ILE B 55 -32.70 8.43 -6.75
CA ILE B 55 -33.12 8.41 -5.35
C ILE B 55 -33.38 6.98 -4.90
N MET B 56 -34.02 6.17 -5.75
CA MET B 56 -34.15 4.74 -5.44
C MET B 56 -32.79 4.11 -5.20
N ARG B 57 -31.86 4.30 -6.15
CA ARG B 57 -30.52 3.72 -6.03
C ARG B 57 -29.87 4.11 -4.70
N LEU B 58 -29.90 5.40 -4.37
CA LEU B 58 -29.26 5.87 -3.15
C LEU B 58 -29.93 5.30 -1.90
N ALA B 59 -31.27 5.26 -1.88
CA ALA B 59 -31.96 4.72 -0.71
C ALA B 59 -31.64 3.24 -0.51
N ILE B 60 -31.65 2.47 -1.60
CA ILE B 60 -31.40 1.03 -1.48
C ILE B 60 -29.95 0.77 -1.07
N SER B 61 -29.02 1.56 -1.61
CA SER B 61 -27.61 1.41 -1.23
C SER B 61 -27.39 1.78 0.23
N PHE B 62 -28.05 2.85 0.70
CA PHE B 62 -27.94 3.23 2.10
C PHE B 62 -28.49 2.14 3.01
N LEU B 63 -29.62 1.54 2.63
CA LEU B 63 -30.19 0.48 3.47
C LEU B 63 -29.28 -0.74 3.51
N ARG B 64 -28.70 -1.14 2.36
CA ARG B 64 -27.79 -2.27 2.36
C ARG B 64 -26.53 -1.97 3.17
N THR B 65 -25.99 -0.76 3.04
CA THR B 65 -24.82 -0.37 3.82
C THR B 65 -25.13 -0.39 5.32
N HIS B 66 -26.34 0.04 5.69
CA HIS B 66 -26.72 0.03 7.11
C HIS B 66 -26.87 -1.39 7.62
N LYS B 67 -27.37 -2.30 6.78
CA LYS B 67 -27.40 -3.72 7.15
C LYS B 67 -25.99 -4.23 7.42
N LEU B 68 -25.06 -3.95 6.49
CA LEU B 68 -23.68 -4.39 6.69
C LEU B 68 -23.05 -3.76 7.93
N LEU B 69 -23.40 -2.51 8.22
CA LEU B 69 -22.83 -1.84 9.38
C LEU B 69 -23.38 -2.39 10.69
N SER B 70 -24.65 -2.78 10.71
CA SER B 70 -25.16 -3.53 11.84
C SER B 70 -24.46 -4.88 11.96
N SER B 71 -24.07 -5.46 10.82
CA SER B 71 -23.33 -6.73 10.86
C SER B 71 -21.96 -6.55 11.52
N VAL B 72 -21.22 -5.52 11.12
CA VAL B 72 -19.86 -5.36 11.62
C VAL B 72 -19.84 -4.81 13.05
N CYS B 73 -20.73 -3.87 13.37
CA CYS B 73 -20.74 -3.20 14.66
C CYS B 73 -21.66 -3.96 15.62
N SER B 74 -21.06 -4.57 16.64
CA SER B 74 -21.80 -5.31 17.67
C SER B 74 -22.80 -6.32 17.10
N GLN B 85 -20.06 16.55 13.53
CA GLN B 85 -19.41 15.60 14.45
C GLN B 85 -18.07 15.15 13.86
N MET B 86 -17.45 14.15 14.51
CA MET B 86 -16.13 13.64 14.17
C MET B 86 -16.05 13.05 12.76
N ASP B 87 -17.18 12.91 12.06
CA ASP B 87 -17.13 12.44 10.68
C ASP B 87 -16.35 13.43 9.81
N ASN B 88 -16.46 14.73 10.10
CA ASN B 88 -15.66 15.72 9.41
C ASN B 88 -14.17 15.46 9.60
N LEU B 89 -13.76 15.19 10.84
CA LEU B 89 -12.35 14.92 11.12
C LEU B 89 -11.89 13.64 10.43
N TYR B 90 -12.72 12.59 10.50
CA TYR B 90 -12.34 11.31 9.90
C TYR B 90 -12.21 11.42 8.38
N LEU B 91 -13.09 12.20 7.75
CA LEU B 91 -13.01 12.33 6.30
C LEU B 91 -11.87 13.24 5.86
N LYS B 92 -11.69 14.38 6.54
CA LYS B 92 -10.66 15.32 6.14
C LYS B 92 -9.26 14.76 6.38
N ALA B 93 -9.11 13.89 7.39
CA ALA B 93 -7.82 13.27 7.67
C ALA B 93 -7.47 12.14 6.71
N LEU B 94 -8.41 11.67 5.91
CA LEU B 94 -8.15 10.58 4.98
C LEU B 94 -7.44 11.07 3.74
N GLU B 95 -6.49 10.26 3.25
CA GLU B 95 -5.87 10.49 1.96
C GLU B 95 -6.47 9.59 0.88
N GLY B 96 -7.65 9.03 1.14
CA GLY B 96 -8.36 8.23 0.17
C GLY B 96 -9.84 8.23 0.51
N PHE B 97 -10.57 7.29 -0.10
CA PHE B 97 -12.00 7.16 0.15
C PHE B 97 -12.35 5.72 0.49
N ILE B 98 -13.41 5.57 1.28
CA ILE B 98 -13.89 4.25 1.69
C ILE B 98 -14.88 3.75 0.64
N ALA B 99 -14.75 2.47 0.27
CA ALA B 99 -15.62 1.84 -0.70
C ALA B 99 -16.12 0.53 -0.13
N VAL B 100 -17.44 0.39 -0.02
CA VAL B 100 -18.10 -0.87 0.32
C VAL B 100 -18.74 -1.38 -0.96
N VAL B 101 -18.22 -2.49 -1.47
CA VAL B 101 -18.62 -3.04 -2.76
C VAL B 101 -19.11 -4.47 -2.56
N THR B 102 -20.28 -4.79 -3.10
CA THR B 102 -20.81 -6.14 -2.93
C THR B 102 -20.00 -7.15 -3.73
N GLN B 103 -20.33 -8.43 -3.55
CA GLN B 103 -19.64 -9.49 -4.26
C GLN B 103 -19.93 -9.47 -5.76
N ASP B 104 -20.99 -8.79 -6.18
CA ASP B 104 -21.31 -8.65 -7.59
C ASP B 104 -20.78 -7.35 -8.19
N GLY B 105 -19.99 -6.60 -7.44
CA GLY B 105 -19.40 -5.37 -7.93
C GLY B 105 -20.19 -4.12 -7.66
N ASP B 106 -21.35 -4.21 -7.02
CA ASP B 106 -22.17 -3.03 -6.75
C ASP B 106 -21.53 -2.19 -5.66
N MET B 107 -21.13 -0.97 -6.01
CA MET B 107 -20.61 -0.01 -5.06
C MET B 107 -21.72 0.52 -4.16
N ILE B 108 -22.05 -0.21 -3.09
CA ILE B 108 -23.15 0.21 -2.22
C ILE B 108 -22.77 1.30 -1.25
N PHE B 109 -21.47 1.59 -1.07
CA PHE B 109 -21.13 2.77 -0.28
C PHE B 109 -19.83 3.38 -0.76
N LEU B 110 -19.82 4.72 -0.83
CA LEU B 110 -18.63 5.50 -1.13
C LEU B 110 -18.64 6.73 -0.23
N SER B 111 -17.52 6.97 0.45
CA SER B 111 -17.44 8.13 1.34
C SER B 111 -17.55 9.42 0.54
N GLU B 112 -17.90 10.49 1.24
CA GLU B 112 -18.24 11.74 0.56
C GLU B 112 -17.05 12.36 -0.16
N ASN B 113 -15.83 12.10 0.32
CA ASN B 113 -14.64 12.74 -0.22
C ASN B 113 -14.16 12.13 -1.53
N ILE B 114 -14.88 11.13 -2.08
CA ILE B 114 -14.40 10.44 -3.27
C ILE B 114 -14.18 11.42 -4.42
N SER B 115 -15.10 12.38 -4.58
CA SER B 115 -14.93 13.40 -5.62
C SER B 115 -13.58 14.08 -5.50
N LYS B 116 -13.21 14.48 -4.27
CA LYS B 116 -11.94 15.15 -4.03
C LYS B 116 -10.77 14.41 -4.65
N PHE B 117 -10.88 13.09 -4.79
CA PHE B 117 -9.83 12.31 -5.43
C PHE B 117 -10.18 11.86 -6.83
N MET B 118 -11.46 11.69 -7.15
CA MET B 118 -11.85 11.12 -8.44
C MET B 118 -12.66 12.06 -9.32
N GLY B 119 -13.13 13.19 -8.80
CA GLY B 119 -14.01 14.05 -9.58
C GLY B 119 -15.43 13.54 -9.65
N LEU B 120 -15.62 12.27 -9.99
CA LEU B 120 -16.93 11.65 -9.89
C LEU B 120 -17.40 11.67 -8.44
N THR B 121 -18.67 12.02 -8.23
CA THR B 121 -19.17 12.29 -6.90
C THR B 121 -19.79 11.03 -6.28
N GLN B 122 -20.12 11.15 -4.99
CA GLN B 122 -20.74 10.04 -4.27
C GLN B 122 -22.09 9.68 -4.88
N VAL B 123 -22.87 10.68 -5.29
CA VAL B 123 -24.19 10.42 -5.86
C VAL B 123 -24.07 9.76 -7.24
N GLU B 124 -23.07 10.18 -8.02
CA GLU B 124 -22.95 9.70 -9.40
C GLU B 124 -22.65 8.21 -9.48
N LEU B 125 -22.00 7.64 -8.47
CA LEU B 125 -21.50 6.28 -8.54
C LEU B 125 -22.21 5.28 -7.65
N THR B 126 -22.85 5.74 -6.57
CA THR B 126 -23.43 4.82 -5.60
C THR B 126 -24.49 3.93 -6.24
N GLY B 127 -24.39 2.63 -5.99
CA GLY B 127 -25.29 1.66 -6.55
C GLY B 127 -24.87 1.08 -7.89
N HIS B 128 -23.93 1.73 -8.58
CA HIS B 128 -23.46 1.25 -9.87
C HIS B 128 -22.36 0.23 -9.70
N SER B 129 -22.13 -0.56 -10.76
CA SER B 129 -21.11 -1.59 -10.73
C SER B 129 -19.73 -0.96 -10.77
N ILE B 130 -18.79 -1.56 -10.03
CA ILE B 130 -17.41 -1.07 -10.04
C ILE B 130 -16.79 -1.28 -11.42
N PHE B 131 -17.18 -2.36 -12.11
CA PHE B 131 -16.63 -2.64 -13.42
C PHE B 131 -17.00 -1.59 -14.46
N ASP B 132 -18.10 -0.86 -14.25
CA ASP B 132 -18.46 0.22 -15.16
C ASP B 132 -17.60 1.45 -14.97
N PHE B 133 -16.76 1.50 -13.91
CA PHE B 133 -15.94 2.68 -13.66
C PHE B 133 -14.48 2.31 -13.37
N THR B 134 -14.05 1.12 -13.78
CA THR B 134 -12.67 0.70 -13.62
C THR B 134 -12.11 0.25 -14.95
N HIS B 135 -10.79 0.23 -15.04
CA HIS B 135 -10.13 -0.20 -16.27
C HIS B 135 -10.45 -1.66 -16.54
N PRO B 136 -10.82 -2.04 -17.77
CA PRO B 136 -11.16 -3.44 -18.03
C PRO B 136 -10.05 -4.42 -17.71
N CYS B 137 -8.79 -4.05 -18.01
CA CYS B 137 -7.66 -4.93 -17.75
C CYS B 137 -7.47 -5.25 -16.28
N ASP B 138 -8.16 -4.55 -15.38
CA ASP B 138 -8.09 -4.85 -13.96
C ASP B 138 -9.30 -5.63 -13.46
N HIS B 139 -10.38 -5.69 -14.25
CA HIS B 139 -11.63 -6.27 -13.79
C HIS B 139 -11.44 -7.64 -13.15
N GLU B 140 -10.77 -8.56 -13.86
CA GLU B 140 -10.56 -9.90 -13.34
C GLU B 140 -9.87 -9.85 -11.98
N GLU B 141 -8.79 -9.07 -11.88
CA GLU B 141 -8.12 -8.91 -10.59
C GLU B 141 -9.11 -8.43 -9.54
N ILE B 142 -9.90 -7.41 -9.88
CA ILE B 142 -10.95 -6.94 -8.97
C ILE B 142 -11.85 -8.11 -8.55
N ARG B 143 -12.27 -8.92 -9.52
CA ARG B 143 -13.09 -10.08 -9.21
C ARG B 143 -12.40 -10.98 -8.19
N GLU B 144 -11.10 -11.23 -8.40
CA GLU B 144 -10.38 -12.10 -7.47
C GLU B 144 -10.36 -11.52 -6.07
N ASN B 145 -10.38 -10.20 -5.94
CA ASN B 145 -10.39 -9.58 -4.63
C ASN B 145 -11.79 -9.45 -4.04
N LEU B 146 -12.83 -9.69 -4.83
CA LEU B 146 -14.20 -9.58 -4.33
C LEU B 146 -14.75 -10.87 -3.75
N THR B 147 -14.10 -12.00 -4.03
CA THR B 147 -14.65 -13.31 -3.67
C THR B 147 -13.93 -13.87 -2.44
N LEU B 148 -14.46 -14.99 -1.95
CA LEU B 148 -13.92 -15.72 -0.81
C LEU B 148 -13.81 -14.83 0.42
N VAL B 161 -8.59 -18.56 2.85
CA VAL B 161 -9.45 -18.33 4.00
C VAL B 161 -9.22 -16.92 4.54
N SER B 162 -8.03 -16.38 4.26
CA SER B 162 -7.71 -15.03 4.71
C SER B 162 -8.59 -14.01 4.03
N THR B 163 -8.94 -12.95 4.77
CA THR B 163 -9.86 -11.93 4.28
C THR B 163 -9.18 -10.61 3.95
N GLU B 164 -7.90 -10.46 4.25
CA GLU B 164 -7.21 -9.22 3.93
C GLU B 164 -7.01 -9.08 2.43
N ARG B 165 -7.20 -7.87 1.92
CA ARG B 165 -7.03 -7.56 0.51
C ARG B 165 -6.13 -6.35 0.36
N ASP B 166 -5.19 -6.43 -0.58
CA ASP B 166 -4.25 -5.34 -0.84
C ASP B 166 -3.89 -5.40 -2.32
N PHE B 167 -4.36 -4.43 -3.09
CA PHE B 167 -4.14 -4.46 -4.54
C PHE B 167 -4.13 -3.04 -5.10
N PHE B 168 -3.96 -2.94 -6.41
CA PHE B 168 -3.96 -1.68 -7.12
C PHE B 168 -4.92 -1.79 -8.29
N MET B 169 -5.88 -0.87 -8.37
CA MET B 169 -6.82 -0.86 -9.49
C MET B 169 -6.77 0.49 -10.18
N ARG B 170 -7.37 0.56 -11.36
CA ARG B 170 -7.43 1.79 -12.14
C ARG B 170 -8.88 2.21 -12.28
N MET B 171 -9.22 3.36 -11.72
CA MET B 171 -10.57 3.87 -11.70
C MET B 171 -10.68 5.15 -12.54
N LYS B 172 -11.89 5.42 -13.01
CA LYS B 172 -12.12 6.62 -13.81
C LYS B 172 -11.90 7.86 -12.96
N CYS B 173 -11.33 8.89 -13.59
CA CYS B 173 -11.02 10.14 -12.89
C CYS B 173 -11.36 11.30 -13.82
N THR B 174 -12.22 12.20 -13.34
CA THR B 174 -12.62 13.37 -14.12
C THR B 174 -12.16 14.68 -13.48
N VAL B 175 -11.24 14.61 -12.52
CA VAL B 175 -10.64 15.81 -11.94
C VAL B 175 -9.23 15.94 -12.48
N THR B 176 -8.79 17.19 -12.67
CA THR B 176 -7.47 17.48 -13.21
C THR B 176 -6.56 18.01 -12.12
N ASN B 177 -5.26 18.07 -12.44
CA ASN B 177 -4.28 18.57 -11.49
C ASN B 177 -4.51 20.03 -11.14
N ARG B 178 -5.21 20.78 -12.00
CA ARG B 178 -5.58 22.16 -11.70
C ARG B 178 -6.61 22.24 -10.58
N GLY B 179 -7.34 21.16 -10.31
CA GLY B 179 -8.41 21.15 -9.35
C GLY B 179 -9.79 21.29 -9.95
N ARG B 180 -9.88 21.63 -11.24
CA ARG B 180 -11.17 21.74 -11.91
C ARG B 180 -11.75 20.35 -12.15
N THR B 181 -13.08 20.31 -12.25
CA THR B 181 -13.81 19.08 -12.55
C THR B 181 -14.18 19.06 -14.02
N VAL B 182 -14.16 17.87 -14.62
CA VAL B 182 -14.34 17.68 -16.05
C VAL B 182 -15.46 16.70 -16.29
N ASN B 183 -16.15 16.86 -17.43
CA ASN B 183 -17.25 15.97 -17.79
C ASN B 183 -16.75 14.52 -17.91
N LEU B 184 -17.72 13.61 -17.99
CA LEU B 184 -17.43 12.18 -17.89
C LEU B 184 -16.78 11.62 -19.16
N LYS B 185 -16.93 12.30 -20.30
CA LYS B 185 -16.42 11.75 -21.55
C LYS B 185 -14.90 11.71 -21.58
N SER B 186 -14.24 12.72 -21.04
CA SER B 186 -12.78 12.77 -20.95
C SER B 186 -12.38 12.41 -19.52
N ALA B 187 -12.20 11.11 -19.29
CA ALA B 187 -11.87 10.59 -17.97
C ALA B 187 -10.55 9.83 -18.05
N THR B 188 -9.55 10.29 -17.31
CA THR B 188 -8.28 9.59 -17.25
C THR B 188 -8.39 8.40 -16.30
N TRP B 189 -7.34 7.58 -16.29
CA TRP B 189 -7.25 6.45 -15.37
C TRP B 189 -6.38 6.84 -14.19
N LYS B 190 -6.88 6.61 -12.98
CA LYS B 190 -6.16 6.91 -11.76
C LYS B 190 -5.94 5.61 -11.00
N VAL B 191 -4.69 5.38 -10.59
CA VAL B 191 -4.34 4.17 -9.85
C VAL B 191 -4.68 4.39 -8.38
N LEU B 192 -5.50 3.50 -7.83
CA LEU B 192 -5.86 3.50 -6.42
C LEU B 192 -5.26 2.28 -5.76
N HIS B 193 -4.50 2.50 -4.69
CA HIS B 193 -4.07 1.42 -3.80
C HIS B 193 -5.23 1.13 -2.87
N CYS B 194 -5.82 -0.07 -2.99
CA CYS B 194 -6.99 -0.46 -2.23
C CYS B 194 -6.58 -1.51 -1.20
N THR B 195 -6.81 -1.20 0.07
CA THR B 195 -6.52 -2.11 1.17
C THR B 195 -7.76 -2.27 2.03
N GLY B 196 -8.14 -3.50 2.30
CA GLY B 196 -9.35 -3.74 3.07
C GLY B 196 -9.62 -5.19 3.44
N GLN B 197 -10.90 -5.50 3.66
CA GLN B 197 -11.32 -6.82 4.12
C GLN B 197 -12.53 -7.29 3.35
N VAL B 198 -12.57 -8.59 3.07
CA VAL B 198 -13.77 -9.27 2.58
C VAL B 198 -14.51 -9.83 3.79
N ARG B 199 -15.80 -9.51 3.88
CA ARG B 199 -16.60 -9.85 5.05
C ARG B 199 -17.93 -10.43 4.62
N VAL B 200 -18.27 -11.61 5.14
CA VAL B 200 -19.56 -12.22 4.89
C VAL B 200 -20.57 -11.68 5.90
N TYR B 201 -21.72 -11.23 5.40
CA TYR B 201 -22.77 -10.68 6.25
C TYR B 201 -24.11 -11.25 5.82
N ASN B 202 -25.03 -11.34 6.77
CA ASN B 202 -26.34 -11.93 6.55
C ASN B 202 -27.44 -10.87 6.51
N LEU B 218 -24.32 -13.36 1.67
CA LEU B 218 -23.84 -12.12 1.08
C LEU B 218 -22.45 -11.76 1.60
N SER B 219 -21.59 -11.30 0.71
CA SER B 219 -20.24 -10.89 1.06
C SER B 219 -19.95 -9.51 0.48
N CYS B 220 -19.20 -8.72 1.23
CA CYS B 220 -18.81 -7.39 0.81
C CYS B 220 -17.30 -7.25 0.89
N LEU B 221 -16.80 -6.21 0.22
CA LEU B 221 -15.40 -5.79 0.27
C LEU B 221 -15.40 -4.36 0.78
N ILE B 222 -14.85 -4.17 1.98
CA ILE B 222 -14.69 -2.84 2.58
C ILE B 222 -13.24 -2.47 2.42
N ILE B 223 -12.96 -1.46 1.59
CA ILE B 223 -11.59 -1.08 1.26
C ILE B 223 -11.42 0.42 1.44
N MET B 224 -10.20 0.82 1.78
CA MET B 224 -9.77 2.20 1.65
C MET B 224 -8.95 2.30 0.37
N CYS B 225 -9.31 3.26 -0.48
CA CYS B 225 -8.68 3.47 -1.78
C CYS B 225 -7.93 4.78 -1.73
N GLU B 226 -6.61 4.71 -1.75
CA GLU B 226 -5.77 5.89 -1.70
C GLU B 226 -5.12 6.13 -3.06
N PRO B 227 -5.19 7.34 -3.59
CA PRO B 227 -4.39 7.65 -4.79
C PRO B 227 -2.92 7.76 -4.42
N ILE B 228 -2.09 7.53 -5.43
CA ILE B 228 -0.64 7.66 -5.29
C ILE B 228 -0.27 9.02 -5.86
N GLN B 229 0.19 9.91 -4.98
CA GLN B 229 0.48 11.28 -5.36
C GLN B 229 1.49 11.32 -6.52
N HIS B 230 1.16 12.07 -7.55
CA HIS B 230 2.07 12.20 -8.68
C HIS B 230 3.31 12.97 -8.24
N PRO B 231 4.51 12.50 -8.59
CA PRO B 231 5.73 13.16 -8.09
C PRO B 231 5.88 14.61 -8.54
N SER B 232 5.21 15.02 -9.62
CA SER B 232 5.29 16.41 -10.06
C SER B 232 4.46 17.32 -9.15
N HIS B 233 3.19 16.99 -8.98
CA HIS B 233 2.25 17.82 -8.21
C HIS B 233 2.17 17.25 -6.80
N MET B 234 2.97 17.81 -5.90
CA MET B 234 3.06 17.36 -4.51
C MET B 234 2.40 18.39 -3.61
N ASP B 235 1.31 17.99 -2.95
CA ASP B 235 0.63 18.84 -1.99
C ASP B 235 1.04 18.55 -0.55
N ILE B 236 1.81 17.49 -0.33
CA ILE B 236 2.21 17.06 1.01
C ILE B 236 3.63 17.56 1.28
N PRO B 237 3.90 18.17 2.43
CA PRO B 237 5.29 18.53 2.77
C PRO B 237 6.13 17.27 2.98
N LEU B 238 7.29 17.23 2.35
CA LEU B 238 8.19 16.09 2.44
C LEU B 238 9.27 16.39 3.48
N ASP B 239 9.37 15.53 4.49
CA ASP B 239 10.37 15.69 5.53
C ASP B 239 11.76 15.32 5.00
N SER B 240 12.77 15.56 5.84
CA SER B 240 14.15 15.29 5.46
C SER B 240 14.44 13.80 5.32
N LYS B 241 13.56 12.93 5.80
CA LYS B 241 13.74 11.49 5.71
C LYS B 241 13.21 10.92 4.39
N THR B 242 12.92 11.78 3.42
CA THR B 242 12.41 11.38 2.12
C THR B 242 13.35 11.88 1.04
N PHE B 243 13.54 11.09 0.00
CA PHE B 243 14.37 11.52 -1.12
C PHE B 243 13.83 10.96 -2.43
N LEU B 244 14.09 11.71 -3.50
CA LEU B 244 13.61 11.35 -4.83
C LEU B 244 14.69 10.61 -5.61
N SER B 245 14.26 9.76 -6.54
CA SER B 245 15.19 9.07 -7.43
C SER B 245 14.51 8.78 -8.75
N ARG B 246 15.22 9.05 -9.84
CA ARG B 246 14.72 8.78 -11.16
C ARG B 246 15.31 7.47 -11.68
N HIS B 247 14.51 6.74 -12.45
CA HIS B 247 14.94 5.45 -12.97
C HIS B 247 14.45 5.29 -14.40
N SER B 248 15.14 4.43 -15.15
CA SER B 248 14.57 3.95 -16.40
C SER B 248 13.55 2.86 -16.10
N MET B 249 12.84 2.41 -17.15
CA MET B 249 11.92 1.30 -16.97
C MET B 249 12.65 0.03 -16.54
N ASP B 250 13.96 -0.03 -16.81
CA ASP B 250 14.83 -1.08 -16.27
C ASP B 250 14.96 -1.01 -14.75
N MET B 251 14.52 0.10 -14.13
CA MET B 251 14.72 0.44 -12.73
C MET B 251 16.18 0.78 -12.40
N LYS B 252 17.02 0.95 -13.42
CA LYS B 252 18.38 1.44 -13.18
C LYS B 252 18.35 2.92 -12.82
N PHE B 253 19.22 3.32 -11.89
CA PHE B 253 19.24 4.71 -11.46
C PHE B 253 19.69 5.63 -12.58
N THR B 254 18.93 6.71 -12.80
CA THR B 254 19.31 7.77 -13.72
C THR B 254 19.43 9.13 -13.03
N TYR B 255 19.06 9.23 -11.75
CA TYR B 255 19.14 10.43 -10.94
C TYR B 255 18.80 10.06 -9.50
N CYS B 256 19.39 10.78 -8.56
CA CYS B 256 19.07 10.57 -7.14
C CYS B 256 19.30 11.88 -6.38
N ASP B 257 18.64 11.99 -5.23
CA ASP B 257 18.80 13.16 -4.38
C ASP B 257 20.15 13.12 -3.65
N ASP B 258 20.58 14.29 -3.19
CA ASP B 258 21.77 14.35 -2.34
C ASP B 258 21.48 13.79 -0.96
N ARG B 259 20.22 13.85 -0.52
CA ARG B 259 19.86 13.40 0.81
C ARG B 259 20.26 11.95 1.06
N ILE B 260 20.33 11.14 0.00
CA ILE B 260 20.71 9.74 0.17
C ILE B 260 22.07 9.62 0.83
N LEU B 261 22.99 10.54 0.51
CA LEU B 261 24.31 10.51 1.12
C LEU B 261 24.22 10.67 2.63
N GLU B 262 23.29 11.49 3.10
CA GLU B 262 23.06 11.66 4.52
C GLU B 262 22.21 10.57 5.13
N LEU B 263 21.51 9.78 4.31
CA LEU B 263 20.53 8.82 4.82
C LEU B 263 20.97 7.38 4.66
N ILE B 264 21.68 7.04 3.59
CA ILE B 264 22.05 5.65 3.33
C ILE B 264 23.55 5.55 3.12
N GLY B 265 24.15 6.63 2.62
CA GLY B 265 25.60 6.72 2.52
C GLY B 265 26.15 6.72 1.11
N TYR B 266 25.34 6.43 0.11
CA TYR B 266 25.83 6.43 -1.27
C TYR B 266 25.91 7.85 -1.81
N HIS B 267 26.90 8.08 -2.66
CA HIS B 267 26.92 9.33 -3.40
C HIS B 267 25.92 9.24 -4.55
N PRO B 268 25.16 10.31 -4.82
CA PRO B 268 24.16 10.25 -5.90
C PRO B 268 24.75 9.95 -7.28
N GLU B 269 26.07 10.04 -7.43
CA GLU B 269 26.72 9.77 -8.71
C GLU B 269 27.14 8.31 -8.86
N GLU B 270 27.58 7.68 -7.77
CA GLU B 270 28.02 6.28 -7.84
C GLU B 270 26.86 5.30 -8.03
N LEU B 271 25.61 5.79 -7.99
CA LEU B 271 24.45 4.94 -8.20
C LEU B 271 23.93 4.98 -9.62
N LEU B 272 24.34 5.96 -10.42
CA LEU B 272 23.84 6.08 -11.78
C LEU B 272 24.22 4.86 -12.61
N GLY B 273 23.31 4.45 -13.50
CA GLY B 273 23.52 3.27 -14.32
C GLY B 273 23.50 1.96 -13.59
N ARG B 274 23.23 1.96 -12.28
CA ARG B 274 23.20 0.74 -11.49
C ARG B 274 21.78 0.20 -11.39
N SER B 275 21.65 -1.11 -11.54
CA SER B 275 20.34 -1.75 -11.41
C SER B 275 19.92 -1.75 -9.94
N ALA B 276 18.74 -1.21 -9.65
CA ALA B 276 18.24 -1.18 -8.29
C ALA B 276 18.04 -2.57 -7.71
N TYR B 277 17.95 -3.60 -8.56
CA TYR B 277 17.83 -4.97 -8.09
C TYR B 277 19.08 -5.47 -7.39
N GLU B 278 20.21 -4.77 -7.52
CA GLU B 278 21.44 -5.15 -6.85
C GLU B 278 21.64 -4.45 -5.51
N PHE B 279 20.68 -3.64 -5.07
CA PHE B 279 20.86 -2.83 -3.87
C PHE B 279 19.82 -3.08 -2.79
N TYR B 280 18.87 -3.97 -3.00
CA TYR B 280 17.92 -4.34 -1.96
C TYR B 280 18.20 -5.76 -1.48
N HIS B 281 17.84 -6.01 -0.22
CA HIS B 281 18.06 -7.33 0.38
C HIS B 281 17.28 -8.40 -0.37
N ALA B 282 17.93 -9.54 -0.60
CA ALA B 282 17.34 -10.59 -1.42
C ALA B 282 16.00 -11.07 -0.87
N LEU B 283 15.84 -11.09 0.45
CA LEU B 283 14.61 -11.58 1.07
C LEU B 283 13.38 -10.79 0.66
N ASP B 284 13.54 -9.63 0.03
CA ASP B 284 12.43 -8.80 -0.40
C ASP B 284 12.15 -8.91 -1.89
N SER B 285 12.92 -9.73 -2.62
CA SER B 285 12.79 -9.78 -4.08
C SER B 285 11.34 -9.95 -4.52
N GLU B 286 10.65 -10.95 -3.97
CA GLU B 286 9.28 -11.23 -4.37
C GLU B 286 8.43 -9.96 -4.34
N ASN B 287 8.59 -9.16 -3.28
CA ASN B 287 7.89 -7.88 -3.21
C ASN B 287 8.25 -7.00 -4.38
N MET B 288 9.55 -6.69 -4.51
CA MET B 288 10.02 -5.69 -5.48
C MET B 288 9.52 -6.00 -6.89
N THR B 289 9.87 -7.18 -7.41
CA THR B 289 9.40 -7.56 -8.75
C THR B 289 7.89 -7.36 -8.89
N LYS B 290 7.12 -7.80 -7.90
CA LYS B 290 5.67 -7.60 -7.93
C LYS B 290 5.38 -6.14 -8.19
N SER B 291 5.88 -5.26 -7.31
CA SER B 291 5.71 -3.83 -7.47
C SER B 291 6.08 -3.41 -8.89
N HIS B 292 7.26 -3.83 -9.35
CA HIS B 292 7.71 -3.45 -10.68
C HIS B 292 6.67 -3.78 -11.72
N GLN B 293 6.16 -5.01 -11.69
CA GLN B 293 5.14 -5.40 -12.67
C GLN B 293 3.92 -4.49 -12.57
N ASN B 294 3.42 -4.27 -11.36
CA ASN B 294 2.32 -3.32 -11.19
C ASN B 294 2.71 -1.96 -11.76
N LEU B 295 3.92 -1.49 -11.44
CA LEU B 295 4.36 -0.18 -11.90
C LEU B 295 4.38 -0.12 -13.43
N CYS B 296 4.63 -1.26 -14.08
CA CYS B 296 4.64 -1.29 -15.54
C CYS B 296 3.28 -1.58 -16.14
N THR B 297 2.36 -2.13 -15.36
CA THR B 297 1.04 -2.48 -15.88
C THR B 297 0.04 -1.35 -15.70
N LYS B 298 0.12 -0.62 -14.59
CA LYS B 298 -0.87 0.39 -14.26
C LYS B 298 -0.28 1.80 -14.17
N GLY B 299 1.04 1.95 -14.10
CA GLY B 299 1.68 3.25 -14.13
C GLY B 299 2.12 3.77 -12.78
N GLN B 300 1.52 3.29 -11.70
CA GLN B 300 1.91 3.70 -10.35
C GLN B 300 1.87 2.49 -9.42
N VAL B 301 2.61 2.58 -8.32
CA VAL B 301 2.70 1.50 -7.35
C VAL B 301 3.22 2.06 -6.04
N VAL B 302 2.87 1.40 -4.94
CA VAL B 302 3.47 1.62 -3.64
C VAL B 302 4.09 0.30 -3.21
N SER B 303 5.41 0.30 -3.01
CA SER B 303 6.07 -0.92 -2.56
C SER B 303 5.72 -1.22 -1.11
N GLY B 304 5.95 -2.46 -0.71
CA GLY B 304 5.96 -2.80 0.69
C GLY B 304 7.21 -2.24 1.36
N GLN B 305 7.34 -2.52 2.65
CA GLN B 305 8.55 -2.17 3.37
C GLN B 305 9.65 -3.15 3.00
N TYR B 306 10.77 -2.63 2.47
CA TYR B 306 11.87 -3.49 2.03
C TYR B 306 13.18 -2.90 2.57
N ARG B 307 14.28 -3.61 2.34
CA ARG B 307 15.60 -3.21 2.84
C ARG B 307 16.50 -2.87 1.66
N MET B 308 17.03 -1.65 1.65
CA MET B 308 18.07 -1.26 0.70
C MET B 308 19.42 -1.33 1.40
N LEU B 309 20.35 -2.09 0.83
CA LEU B 309 21.67 -2.24 1.42
C LEU B 309 22.37 -0.89 1.50
N ALA B 310 22.87 -0.55 2.68
CA ALA B 310 23.55 0.72 2.88
C ALA B 310 24.96 0.66 2.32
N LYS B 311 25.60 1.85 2.24
CA LYS B 311 26.90 1.96 1.60
C LYS B 311 27.96 1.17 2.34
N HIS B 312 28.14 1.46 3.63
CA HIS B 312 29.18 0.81 4.42
C HIS B 312 28.57 -0.25 5.33
N GLY B 313 28.00 -1.26 4.69
CA GLY B 313 27.37 -2.35 5.40
C GLY B 313 26.00 -1.98 5.94
N GLY B 314 25.25 -3.01 6.35
CA GLY B 314 23.92 -2.82 6.87
C GLY B 314 22.92 -2.46 5.79
N TYR B 315 21.68 -2.24 6.23
CA TYR B 315 20.60 -1.87 5.33
C TYR B 315 19.71 -0.85 6.00
N VAL B 316 18.87 -0.21 5.18
CA VAL B 316 17.91 0.79 5.63
C VAL B 316 16.52 0.35 5.17
N TRP B 317 15.53 0.52 6.04
CA TRP B 317 14.15 0.20 5.67
C TRP B 317 13.56 1.32 4.83
N LEU B 318 12.79 0.93 3.81
CA LEU B 318 12.38 1.85 2.77
C LEU B 318 11.00 1.47 2.27
N GLU B 319 10.18 2.49 2.00
CA GLU B 319 8.93 2.35 1.27
C GLU B 319 8.86 3.48 0.25
N THR B 320 8.74 3.13 -1.03
CA THR B 320 8.82 4.11 -2.11
C THR B 320 7.56 4.06 -2.97
N GLN B 321 7.13 5.23 -3.44
CA GLN B 321 6.02 5.35 -4.35
C GLN B 321 6.57 5.55 -5.76
N GLY B 322 6.32 4.57 -6.64
CA GLY B 322 6.81 4.63 -8.00
C GLY B 322 5.72 5.09 -8.95
N THR B 323 6.10 5.94 -9.91
CA THR B 323 5.18 6.49 -10.88
C THR B 323 5.87 6.57 -12.23
N VAL B 324 5.24 5.99 -13.25
CA VAL B 324 5.76 6.07 -14.62
C VAL B 324 5.47 7.46 -15.17
N ILE B 325 6.52 8.15 -15.58
CA ILE B 325 6.40 9.47 -16.19
C ILE B 325 6.31 9.30 -17.70
N TYR B 326 5.49 10.13 -18.33
CA TYR B 326 5.32 10.10 -19.78
C TYR B 326 5.82 11.40 -20.39
N ASN B 327 6.51 11.28 -21.51
CA ASN B 327 6.92 12.46 -22.28
C ASN B 327 5.68 13.12 -22.84
N PRO B 328 5.38 14.37 -22.48
CA PRO B 328 4.13 15.01 -22.94
C PRO B 328 4.09 15.28 -24.43
N ARG B 329 5.19 15.13 -25.15
CA ARG B 329 5.21 15.50 -26.56
C ARG B 329 4.92 14.31 -27.47
N ASN B 330 5.58 13.18 -27.24
CA ASN B 330 5.35 11.98 -28.02
C ASN B 330 4.52 10.93 -27.27
N LEU B 331 4.11 11.24 -26.03
CA LEU B 331 3.24 10.36 -25.24
C LEU B 331 3.86 8.97 -25.07
N GLN B 332 5.14 8.96 -24.73
CA GLN B 332 5.90 7.73 -24.55
C GLN B 332 6.38 7.62 -23.11
N PRO B 333 6.44 6.42 -22.55
CA PRO B 333 7.00 6.25 -21.20
C PRO B 333 8.46 6.66 -21.17
N GLN B 334 8.77 7.69 -20.40
CA GLN B 334 10.10 8.27 -20.35
C GLN B 334 10.95 7.74 -19.20
N CYS B 335 10.39 7.71 -17.99
CA CYS B 335 11.15 7.31 -16.81
C CYS B 335 10.19 6.92 -15.70
N ILE B 336 10.73 6.69 -14.52
CA ILE B 336 9.98 6.33 -13.32
C ILE B 336 10.53 7.17 -12.17
N MET B 337 9.69 8.03 -11.60
CA MET B 337 10.07 8.80 -10.42
C MET B 337 9.69 8.04 -9.16
N CYS B 338 10.57 8.02 -8.18
CA CYS B 338 10.37 7.28 -6.95
C CYS B 338 10.57 8.21 -5.77
N VAL B 339 9.57 8.25 -4.89
CA VAL B 339 9.62 9.03 -3.65
C VAL B 339 9.88 8.03 -2.53
N ASN B 340 11.13 7.96 -2.07
CA ASN B 340 11.56 6.93 -1.12
C ASN B 340 11.53 7.51 0.28
N TYR B 341 10.76 6.88 1.16
CA TYR B 341 10.63 7.29 2.56
C TYR B 341 11.55 6.40 3.39
N VAL B 342 12.60 7.00 3.96
CA VAL B 342 13.49 6.28 4.85
C VAL B 342 12.77 6.00 6.15
N LEU B 343 12.60 4.71 6.47
CA LEU B 343 11.79 4.29 7.61
C LEU B 343 12.60 4.01 8.87
N SER B 344 13.92 4.00 8.80
CA SER B 344 14.74 3.68 9.96
C SER B 344 16.16 4.13 9.72
N GLU B 345 16.97 4.07 10.78
CA GLU B 345 18.41 4.23 10.66
C GLU B 345 19.01 2.97 10.04
N ILE B 346 20.32 3.00 9.80
CA ILE B 346 20.99 1.84 9.24
C ILE B 346 20.99 0.72 10.28
N GLU B 347 20.44 -0.43 9.91
CA GLU B 347 20.36 -1.59 10.79
C GLU B 347 21.38 -2.64 10.38
N LYS B 348 22.01 -3.25 11.39
CA LYS B 348 23.05 -4.26 11.18
C LYS B 348 24.21 -3.71 10.34
N ASN B 349 24.61 -2.48 10.64
CA ASN B 349 25.71 -1.85 9.91
C ASN B 349 27.01 -2.62 10.03
N ASP B 350 27.16 -3.46 11.06
CA ASP B 350 28.36 -4.28 11.18
C ASP B 350 28.41 -5.40 10.14
N VAL B 351 27.26 -5.74 9.53
CA VAL B 351 27.18 -6.85 8.59
C VAL B 351 27.28 -6.31 7.18
N VAL B 352 28.16 -6.90 6.37
CA VAL B 352 28.22 -6.61 4.94
C VAL B 352 27.37 -7.66 4.21
N PHE B 353 26.72 -7.24 3.13
CA PHE B 353 25.82 -8.11 2.39
C PHE B 353 26.18 -8.26 0.92
N SER B 354 26.67 -7.22 0.25
CA SER B 354 26.96 -7.28 -1.18
C SER B 354 28.38 -6.77 -1.43
N MET B 355 28.82 -6.91 -2.69
CA MET B 355 30.14 -6.43 -3.07
C MET B 355 30.21 -4.91 -3.10
N ASP B 356 29.10 -4.25 -3.46
CA ASP B 356 29.05 -2.79 -3.44
C ASP B 356 29.27 -2.21 -2.05
N GLN B 357 28.99 -2.98 -1.00
CA GLN B 357 29.28 -2.55 0.37
C GLN B 357 30.77 -2.66 0.70
N THR B 358 31.53 -3.48 -0.02
CA THR B 358 32.98 -3.59 0.16
C THR B 358 33.68 -2.49 -0.63
N GLU B 359 33.30 -1.25 -0.31
CA GLU B 359 33.94 -0.05 -0.83
C GLU B 359 34.19 -0.03 -2.35
#